data_8T9Q
#
_entry.id   8T9Q
#
_cell.length_a   49.090
_cell.length_b   49.409
_cell.length_c   49.324
_cell.angle_alpha   102.36
_cell.angle_beta   102.16
_cell.angle_gamma   102.11
#
_symmetry.space_group_name_H-M   'P 1'
#
loop_
_entity.id
_entity.type
_entity.pdbx_description
1 polymer Tautomerase
2 water water
#
_entity_poly.entity_id   1
_entity_poly.type   'polypeptide(L)'
_entity_poly.pdbx_seq_one_letter_code
;PNIEMFVVEGYSDQQKEALVGALTQATVEAIGAPIDSVRVWLTEVPATQFGIGGKTVAAIAAGQESAADGAPPSLSIIQV
TFIAGRTELQKERLIAALTDAAVDTVGIERAEVRVILKDIPNTDYGIAGQTARSLGRGVDRHGRAPGGS
;
_entity_poly.pdbx_strand_id   A,B,C
#
# COMPACT_ATOMS: atom_id res chain seq x y z
N PRO A 1 -13.71 2.77 4.91
CA PRO A 1 -13.89 3.35 3.56
C PRO A 1 -12.88 2.87 2.50
N ASN A 2 -11.64 2.54 2.88
CA ASN A 2 -10.64 1.99 1.94
C ASN A 2 -9.96 0.77 2.58
N ILE A 3 -10.28 -0.42 2.06
CA ILE A 3 -9.77 -1.73 2.56
C ILE A 3 -9.02 -2.38 1.41
N GLU A 4 -7.71 -2.50 1.55
CA GLU A 4 -6.84 -3.26 0.61
C GLU A 4 -6.45 -4.53 1.34
N MET A 5 -6.85 -5.68 0.79
CA MET A 5 -6.37 -6.99 1.26
C MET A 5 -5.31 -7.49 0.29
N PHE A 6 -4.11 -7.76 0.78
CA PHE A 6 -3.08 -8.44 -0.04
C PHE A 6 -3.07 -9.91 0.34
N VAL A 7 -3.01 -10.75 -0.69
CA VAL A 7 -3.31 -12.20 -0.63
C VAL A 7 -2.51 -12.86 -1.77
N VAL A 8 -2.43 -14.19 -1.79
CA VAL A 8 -1.73 -14.96 -2.88
C VAL A 8 -2.75 -15.22 -4.00
N GLU A 9 -2.25 -15.42 -5.22
CA GLU A 9 -3.04 -15.39 -6.48
C GLU A 9 -3.73 -16.74 -6.77
N GLY A 10 -4.30 -17.40 -5.76
CA GLY A 10 -4.88 -18.75 -5.89
C GLY A 10 -6.41 -18.75 -5.95
N TYR A 11 -7.06 -17.69 -5.47
CA TYR A 11 -8.50 -17.67 -5.11
C TYR A 11 -9.40 -17.52 -6.35
N SER A 12 -10.57 -18.14 -6.30
CA SER A 12 -11.66 -18.08 -7.32
C SER A 12 -12.38 -16.71 -7.29
N ASP A 13 -13.13 -16.43 -8.35
CA ASP A 13 -14.11 -15.31 -8.45
C ASP A 13 -15.01 -15.31 -7.22
N GLN A 14 -15.62 -16.47 -6.92
CA GLN A 14 -16.65 -16.62 -5.86
C GLN A 14 -16.04 -16.21 -4.52
N GLN A 15 -14.89 -16.81 -4.16
CA GLN A 15 -14.10 -16.45 -2.96
C GLN A 15 -13.92 -14.92 -2.98
N LYS A 16 -13.64 -14.36 -4.16
CA LYS A 16 -13.31 -12.92 -4.27
C LYS A 16 -14.54 -12.06 -3.98
N GLU A 17 -15.67 -12.35 -4.63
CA GLU A 17 -16.90 -11.53 -4.40
C GLU A 17 -17.37 -11.76 -2.96
N ALA A 18 -17.30 -13.00 -2.46
CA ALA A 18 -17.69 -13.33 -1.06
C ALA A 18 -16.72 -12.65 -0.09
N LEU A 19 -15.44 -12.46 -0.48
CA LEU A 19 -14.44 -11.75 0.35
C LEU A 19 -14.79 -10.26 0.37
N VAL A 20 -14.96 -9.65 -0.80
CA VAL A 20 -15.40 -8.22 -0.92
C VAL A 20 -16.68 -8.02 -0.08
N GLY A 21 -17.68 -8.90 -0.19
CA GLY A 21 -18.95 -8.76 0.55
C GLY A 21 -18.70 -8.91 2.05
N ALA A 22 -17.94 -9.93 2.43
CA ALA A 22 -17.67 -10.24 3.85
C ALA A 22 -16.91 -9.07 4.47
N LEU A 23 -15.99 -8.44 3.73
CA LEU A 23 -15.21 -7.28 4.24
C LEU A 23 -16.11 -6.06 4.34
N THR A 24 -16.98 -5.86 3.35
CA THR A 24 -17.94 -4.73 3.33
C THR A 24 -18.93 -4.91 4.49
N GLN A 25 -19.50 -6.11 4.65
CA GLN A 25 -20.58 -6.36 5.66
C GLN A 25 -19.99 -6.24 7.06
N ALA A 26 -18.81 -6.80 7.29
CA ALA A 26 -18.06 -6.70 8.56
C ALA A 26 -17.76 -5.22 8.85
N THR A 27 -17.60 -4.40 7.81
CA THR A 27 -17.27 -2.95 7.91
C THR A 27 -18.49 -2.14 8.33
N VAL A 28 -19.59 -2.26 7.57
CA VAL A 28 -20.81 -1.42 7.71
C VAL A 28 -21.36 -1.61 9.12
N GLU A 29 -21.37 -2.86 9.61
CA GLU A 29 -21.96 -3.23 10.92
C GLU A 29 -21.16 -2.54 12.04
N ALA A 30 -19.87 -2.85 12.13
CA ALA A 30 -18.96 -2.50 13.25
C ALA A 30 -18.87 -0.97 13.40
N ILE A 31 -18.36 -0.29 12.37
CA ILE A 31 -18.05 1.17 12.41
C ILE A 31 -19.22 1.98 11.84
N GLY A 32 -20.35 1.32 11.54
CA GLY A 32 -21.61 1.95 11.09
C GLY A 32 -21.40 2.89 9.90
N ALA A 33 -20.53 2.52 8.96
CA ALA A 33 -20.16 3.33 7.77
C ALA A 33 -21.16 3.07 6.64
N PRO A 34 -21.31 4.00 5.65
CA PRO A 34 -22.20 3.78 4.51
C PRO A 34 -21.69 2.77 3.47
N ILE A 35 -22.50 1.77 3.12
CA ILE A 35 -22.14 0.68 2.16
C ILE A 35 -21.54 1.35 0.91
N ASP A 36 -22.18 2.39 0.39
CA ASP A 36 -21.74 3.06 -0.86
C ASP A 36 -20.42 3.82 -0.64
N SER A 37 -20.00 4.07 0.60
CA SER A 37 -18.70 4.72 0.94
C SER A 37 -17.65 3.65 1.26
N VAL A 38 -18.03 2.38 1.25
CA VAL A 38 -17.08 1.26 1.51
C VAL A 38 -16.51 0.78 0.17
N ARG A 39 -15.25 1.13 -0.08
CA ARG A 39 -14.49 0.57 -1.20
C ARG A 39 -13.52 -0.46 -0.62
N VAL A 40 -13.38 -1.58 -1.33
CA VAL A 40 -12.53 -2.71 -0.91
C VAL A 40 -11.86 -3.23 -2.17
N TRP A 41 -10.55 -3.44 -2.13
CA TRP A 41 -9.87 -4.12 -3.26
C TRP A 41 -8.87 -5.17 -2.78
N LEU A 42 -8.79 -6.22 -3.58
CA LEU A 42 -7.91 -7.39 -3.39
C LEU A 42 -6.71 -7.21 -4.31
N THR A 43 -5.52 -7.44 -3.78
CA THR A 43 -4.25 -7.35 -4.54
C THR A 43 -3.59 -8.72 -4.50
N GLU A 44 -3.69 -9.41 -5.64
CA GLU A 44 -3.08 -10.73 -5.90
C GLU A 44 -1.55 -10.60 -5.98
N VAL A 45 -0.85 -11.25 -5.05
CA VAL A 45 0.63 -11.36 -5.11
C VAL A 45 0.95 -12.78 -5.57
N PRO A 46 1.68 -12.95 -6.70
CA PRO A 46 2.11 -14.27 -7.14
C PRO A 46 3.14 -14.87 -6.15
N ALA A 47 3.21 -16.19 -6.11
CA ALA A 47 3.82 -16.96 -4.99
C ALA A 47 5.30 -16.62 -4.90
N THR A 48 5.95 -16.56 -6.07
CA THR A 48 7.34 -16.08 -6.30
C THR A 48 7.53 -14.69 -5.70
N GLN A 49 6.46 -13.95 -5.34
CA GLN A 49 6.64 -12.54 -4.93
C GLN A 49 6.16 -12.33 -3.49
N PHE A 50 5.81 -13.38 -2.75
CA PHE A 50 5.28 -13.20 -1.37
C PHE A 50 6.13 -14.04 -0.42
N GLY A 51 6.85 -13.36 0.49
CA GLY A 51 7.87 -14.03 1.33
C GLY A 51 7.51 -14.04 2.81
N ILE A 52 7.66 -15.19 3.50
CA ILE A 52 7.44 -15.34 4.96
C ILE A 52 8.73 -15.83 5.63
N GLY A 53 9.25 -15.07 6.59
CA GLY A 53 10.52 -15.41 7.24
C GLY A 53 11.63 -15.78 6.27
N GLY A 54 11.54 -15.29 5.03
CA GLY A 54 12.69 -15.17 4.11
C GLY A 54 12.57 -16.08 2.91
N LYS A 55 11.56 -16.93 2.83
CA LYS A 55 11.37 -17.87 1.69
C LYS A 55 10.10 -17.48 0.94
N THR A 56 10.04 -17.70 -0.37
CA THR A 56 8.88 -17.31 -1.21
C THR A 56 7.84 -18.37 -0.95
N VAL A 57 6.56 -17.99 -0.99
CA VAL A 57 5.46 -18.96 -0.77
C VAL A 57 5.76 -20.17 -1.66
N ALA A 58 6.23 -19.91 -2.89
CA ALA A 58 6.34 -20.94 -3.94
C ALA A 58 7.41 -21.93 -3.48
N ALA A 59 8.53 -21.42 -2.94
CA ALA A 59 9.66 -22.20 -2.39
C ALA A 59 9.10 -23.12 -1.30
N ILE A 60 7.90 -22.79 -0.83
CA ILE A 60 7.20 -23.44 0.30
C ILE A 60 5.98 -24.17 -0.25
N GLU A 65 -1.50 -15.67 2.13
CA GLU A 65 -1.50 -15.13 3.51
C GLU A 65 -1.97 -13.68 3.50
N SER A 66 -2.92 -13.32 4.37
CA SER A 66 -3.78 -12.13 4.26
C SER A 66 -3.25 -10.98 5.11
N ALA A 67 -3.12 -9.79 4.52
CA ALA A 67 -2.81 -8.52 5.22
C ALA A 67 -3.82 -7.46 4.79
N ALA A 68 -4.58 -6.90 5.73
CA ALA A 68 -5.76 -6.07 5.41
C ALA A 68 -5.54 -4.63 5.89
N ASP A 69 -5.33 -3.68 4.94
CA ASP A 69 -5.14 -2.25 5.29
C ASP A 69 -6.51 -1.57 5.26
N GLY A 70 -6.88 -0.94 6.38
CA GLY A 70 -8.11 -0.15 6.50
C GLY A 70 -7.72 1.28 6.65
N ALA A 71 -8.09 2.16 5.70
CA ALA A 71 -7.86 3.61 5.80
C ALA A 71 -9.18 4.32 6.05
N PRO A 72 -9.51 4.66 7.32
CA PRO A 72 -10.61 5.58 7.58
C PRO A 72 -10.18 6.99 7.98
N PRO A 73 -11.12 7.94 7.94
CA PRO A 73 -10.96 9.24 8.58
C PRO A 73 -10.88 9.04 10.09
N SER A 74 -10.19 9.94 10.79
CA SER A 74 -9.77 9.81 12.21
C SER A 74 -10.82 10.44 13.13
N LEU A 75 -11.75 9.62 13.60
CA LEU A 75 -12.65 9.92 14.73
C LEU A 75 -12.71 8.66 15.60
N SER A 76 -12.40 7.51 14.99
CA SER A 76 -12.73 6.17 15.53
C SER A 76 -12.07 5.99 16.88
N ILE A 77 -12.87 5.55 17.86
CA ILE A 77 -12.38 5.29 19.24
C ILE A 77 -11.81 3.88 19.31
N ILE A 78 -11.14 3.57 20.41
CA ILE A 78 -10.45 2.27 20.67
C ILE A 78 -11.40 1.11 20.37
N GLN A 79 -12.54 0.98 21.06
CA GLN A 79 -13.38 -0.23 20.94
C GLN A 79 -13.80 -0.47 19.49
N VAL A 80 -14.24 0.58 18.78
CA VAL A 80 -14.76 0.45 17.37
C VAL A 80 -13.62 -0.01 16.46
N THR A 81 -12.37 0.20 16.86
CA THR A 81 -11.17 -0.20 16.10
C THR A 81 -10.91 -1.68 16.40
N PHE A 82 -10.96 -2.07 17.68
CA PHE A 82 -10.77 -3.49 18.12
C PHE A 82 -11.90 -4.33 17.53
N ILE A 83 -13.11 -3.80 17.54
CA ILE A 83 -14.25 -4.47 16.86
C ILE A 83 -13.96 -4.54 15.36
N ALA A 84 -13.48 -3.43 14.76
CA ALA A 84 -13.11 -3.40 13.33
C ALA A 84 -12.07 -4.48 13.09
N GLY A 85 -10.98 -4.46 13.88
CA GLY A 85 -9.93 -5.50 13.86
C GLY A 85 -10.55 -6.90 13.83
N ARG A 86 -11.58 -7.13 14.66
CA ARG A 86 -12.21 -8.47 14.86
C ARG A 86 -13.22 -8.76 13.74
N THR A 87 -14.09 -7.82 13.40
CA THR A 87 -15.14 -8.05 12.36
C THR A 87 -14.42 -8.48 11.08
N GLU A 88 -13.36 -7.76 10.69
CA GLU A 88 -12.67 -8.02 9.40
C GLU A 88 -11.66 -9.16 9.57
N LEU A 89 -11.28 -9.51 10.79
CA LEU A 89 -10.55 -10.78 10.92
C LEU A 89 -11.50 -11.95 10.68
N GLN A 90 -12.65 -11.96 11.36
CA GLN A 90 -13.53 -13.15 11.44
C GLN A 90 -14.09 -13.48 10.05
N LYS A 91 -14.77 -12.52 9.42
CA LYS A 91 -15.55 -12.75 8.18
C LYS A 91 -14.61 -13.10 7.01
N GLU A 92 -13.30 -13.06 7.22
CA GLU A 92 -12.27 -13.43 6.20
C GLU A 92 -11.82 -14.86 6.46
N ARG A 93 -12.19 -15.42 7.61
CA ARG A 93 -11.99 -16.85 7.95
C ARG A 93 -13.25 -17.62 7.54
N LEU A 94 -14.41 -16.94 7.53
CA LEU A 94 -15.69 -17.52 7.05
C LEU A 94 -15.56 -17.93 5.58
N ILE A 95 -15.13 -16.99 4.73
CA ILE A 95 -14.99 -17.20 3.26
C ILE A 95 -13.58 -16.77 2.86
N ALA A 96 -13.14 -17.13 1.64
CA ALA A 96 -11.73 -16.97 1.21
C ALA A 96 -10.83 -17.45 2.37
N ALA A 97 -11.26 -18.56 3.01
CA ALA A 97 -10.98 -18.95 4.41
C ALA A 97 -9.47 -19.11 4.64
N LEU A 98 -9.08 -19.03 5.91
CA LEU A 98 -7.68 -19.07 6.38
C LEU A 98 -7.70 -19.13 7.91
N THR A 99 -6.73 -19.83 8.53
CA THR A 99 -6.54 -19.84 10.00
C THR A 99 -6.25 -18.41 10.46
N ASP A 100 -6.86 -18.01 11.57
CA ASP A 100 -6.78 -16.64 12.15
C ASP A 100 -5.30 -16.27 12.33
N ALA A 101 -4.45 -17.25 12.67
CA ALA A 101 -3.01 -17.03 12.96
C ALA A 101 -2.35 -16.26 11.81
N ALA A 102 -2.76 -16.52 10.56
CA ALA A 102 -2.09 -16.04 9.33
C ALA A 102 -2.85 -14.84 8.73
N VAL A 103 -3.57 -14.08 9.55
CA VAL A 103 -4.19 -12.81 9.08
C VAL A 103 -3.79 -11.67 10.02
N ASP A 104 -3.21 -10.61 9.45
CA ASP A 104 -2.95 -9.34 10.16
C ASP A 104 -3.88 -8.26 9.59
N THR A 105 -4.43 -7.41 10.44
CA THR A 105 -5.20 -6.23 10.02
C THR A 105 -4.43 -4.99 10.45
N VAL A 106 -4.46 -3.96 9.61
CA VAL A 106 -3.70 -2.70 9.77
C VAL A 106 -4.73 -1.58 9.71
N GLY A 107 -4.73 -0.72 10.73
CA GLY A 107 -5.62 0.44 10.79
C GLY A 107 -4.81 1.68 10.55
N ILE A 108 -5.15 2.42 9.50
CA ILE A 108 -4.43 3.67 9.15
C ILE A 108 -5.38 4.85 9.36
N GLU A 109 -5.08 5.71 10.33
CA GLU A 109 -5.84 6.96 10.56
C GLU A 109 -5.34 8.04 9.58
N ARG A 110 -6.27 8.67 8.90
CA ARG A 110 -6.00 9.80 7.97
C ARG A 110 -7.06 10.87 8.21
N ALA A 111 -6.76 12.08 8.71
CA ALA A 111 -7.80 13.12 8.74
C ALA A 111 -7.27 14.55 8.78
N GLU A 112 -7.05 15.18 7.62
CA GLU A 112 -7.23 16.65 7.52
C GLU A 112 -8.73 16.92 7.52
N PRO B 1 5.84 13.53 -3.05
CA PRO B 1 6.94 12.96 -3.80
C PRO B 1 6.68 11.48 -4.17
N ASN B 2 5.68 10.85 -3.55
CA ASN B 2 5.27 9.47 -3.92
C ASN B 2 3.76 9.38 -3.93
N ILE B 3 3.23 8.98 -5.07
CA ILE B 3 1.79 9.06 -5.43
C ILE B 3 1.45 7.69 -5.99
N GLU B 4 0.60 6.94 -5.31
CA GLU B 4 0.15 5.65 -5.87
C GLU B 4 -1.36 5.77 -6.11
N MET B 5 -1.80 5.33 -7.28
CA MET B 5 -3.22 5.42 -7.67
C MET B 5 -3.66 3.98 -7.82
N PHE B 6 -4.77 3.61 -7.19
CA PHE B 6 -5.44 2.33 -7.45
C PHE B 6 -6.69 2.63 -8.28
N VAL B 7 -6.76 1.98 -9.43
CA VAL B 7 -7.74 2.35 -10.48
C VAL B 7 -8.19 1.04 -11.14
N VAL B 8 -9.25 1.07 -11.93
CA VAL B 8 -9.82 -0.14 -12.61
C VAL B 8 -9.03 -0.34 -13.90
N GLU B 9 -9.06 -1.54 -14.47
CA GLU B 9 -8.09 -2.01 -15.50
C GLU B 9 -8.47 -1.55 -16.92
N GLY B 10 -9.50 -0.71 -17.07
CA GLY B 10 -9.99 -0.23 -18.39
C GLY B 10 -8.99 0.64 -19.13
N TYR B 11 -8.22 1.47 -18.42
CA TYR B 11 -7.48 2.62 -19.00
C TYR B 11 -6.38 2.18 -19.98
N SER B 12 -6.10 3.05 -20.97
CA SER B 12 -5.11 2.81 -22.06
C SER B 12 -3.74 3.37 -21.67
N ASP B 13 -2.67 2.95 -22.34
CA ASP B 13 -1.35 3.61 -22.14
C ASP B 13 -1.58 5.10 -21.95
N GLN B 14 -2.21 5.73 -22.95
CA GLN B 14 -2.21 7.19 -23.16
C GLN B 14 -2.77 7.88 -21.93
N GLN B 15 -3.95 7.44 -21.53
CA GLN B 15 -4.58 7.85 -20.25
C GLN B 15 -3.58 7.70 -19.09
N LYS B 16 -2.79 6.62 -19.07
CA LYS B 16 -1.79 6.36 -17.98
C LYS B 16 -0.71 7.46 -18.01
N GLU B 17 -0.07 7.68 -19.16
CA GLU B 17 1.07 8.64 -19.26
C GLU B 17 0.59 10.09 -19.09
N ALA B 18 -0.66 10.40 -19.41
CA ALA B 18 -1.20 11.76 -19.20
C ALA B 18 -1.65 11.87 -17.73
N LEU B 19 -2.13 10.78 -17.17
CA LEU B 19 -2.46 10.71 -15.72
C LEU B 19 -1.18 10.87 -14.92
N VAL B 20 -0.09 10.21 -15.31
CA VAL B 20 1.22 10.39 -14.59
C VAL B 20 1.60 11.86 -14.71
N GLY B 21 1.71 12.37 -15.94
CA GLY B 21 2.08 13.78 -16.18
C GLY B 21 1.29 14.69 -15.28
N ALA B 22 -0.03 14.52 -15.27
CA ALA B 22 -0.96 15.43 -14.59
C ALA B 22 -0.70 15.37 -13.07
N LEU B 23 -0.72 14.18 -12.45
CA LEU B 23 -0.45 14.04 -11.00
C LEU B 23 0.89 14.70 -10.69
N THR B 24 1.88 14.49 -11.56
CA THR B 24 3.22 15.11 -11.41
C THR B 24 3.08 16.61 -11.64
N GLN B 25 2.46 17.03 -12.74
CA GLN B 25 2.19 18.46 -13.05
C GLN B 25 1.44 19.09 -11.86
N ALA B 26 0.44 18.38 -11.33
CA ALA B 26 -0.47 18.94 -10.31
C ALA B 26 0.29 19.06 -8.98
N THR B 27 1.39 18.33 -8.84
CA THR B 27 2.15 18.20 -7.57
C THR B 27 3.16 19.32 -7.49
N VAL B 28 4.02 19.46 -8.50
CA VAL B 28 5.05 20.55 -8.59
C VAL B 28 4.38 21.92 -8.41
N GLU B 29 3.15 22.11 -8.91
CA GLU B 29 2.49 23.46 -8.95
C GLU B 29 1.97 23.83 -7.56
N ALA B 30 1.23 22.92 -6.93
CA ALA B 30 0.57 23.14 -5.63
C ALA B 30 1.64 23.32 -4.54
N ILE B 31 2.46 22.31 -4.31
CA ILE B 31 3.36 22.18 -3.11
C ILE B 31 4.76 22.67 -3.47
N GLY B 32 5.01 23.00 -4.74
CA GLY B 32 6.30 23.54 -5.21
C GLY B 32 7.45 22.55 -5.01
N ALA B 33 7.16 21.25 -5.14
CA ALA B 33 8.14 20.14 -4.99
C ALA B 33 8.98 19.98 -6.26
N PRO B 34 10.21 19.41 -6.20
CA PRO B 34 11.02 19.18 -7.41
C PRO B 34 10.46 18.10 -8.34
N ILE B 35 10.41 18.37 -9.66
CA ILE B 35 9.79 17.47 -10.66
C ILE B 35 10.52 16.12 -10.64
N ASP B 36 11.85 16.15 -10.53
CA ASP B 36 12.66 14.91 -10.54
C ASP B 36 12.49 14.15 -9.22
N SER B 37 11.94 14.79 -8.17
CA SER B 37 11.69 14.15 -6.85
C SER B 37 10.29 13.51 -6.84
N VAL B 38 9.57 13.54 -7.96
CA VAL B 38 8.17 13.04 -7.97
C VAL B 38 8.13 11.66 -8.60
N ARG B 39 7.65 10.71 -7.81
CA ARG B 39 7.42 9.33 -8.24
C ARG B 39 5.91 9.11 -8.20
N VAL B 40 5.46 8.32 -9.15
CA VAL B 40 4.02 8.06 -9.31
C VAL B 40 4.04 6.60 -9.65
N TRP B 41 3.07 5.85 -9.18
CA TRP B 41 2.77 4.67 -10.00
C TRP B 41 1.29 4.41 -9.92
N LEU B 42 0.75 3.78 -10.95
CA LEU B 42 -0.67 3.42 -11.02
C LEU B 42 -0.73 1.94 -10.72
N THR B 43 -1.87 1.46 -10.28
CA THR B 43 -2.13 0.02 -10.03
C THR B 43 -3.48 -0.34 -10.63
N GLU B 44 -3.47 -1.13 -11.72
CA GLU B 44 -4.63 -1.83 -12.32
C GLU B 44 -5.22 -2.84 -11.34
N VAL B 45 -6.38 -2.52 -10.76
CA VAL B 45 -7.26 -3.47 -10.04
C VAL B 45 -8.25 -4.07 -11.04
N PRO B 46 -8.25 -5.40 -11.24
CA PRO B 46 -9.22 -6.05 -12.10
C PRO B 46 -10.64 -5.85 -11.57
N ALA B 47 -11.61 -5.68 -12.48
CA ALA B 47 -13.03 -5.44 -12.14
C ALA B 47 -13.50 -6.55 -11.20
N THR B 48 -12.90 -7.74 -11.30
CA THR B 48 -13.28 -8.96 -10.54
C THR B 48 -12.76 -8.88 -9.11
N GLN B 49 -11.98 -7.85 -8.77
CA GLN B 49 -11.34 -7.72 -7.43
C GLN B 49 -11.48 -6.29 -6.88
N PHE B 50 -12.47 -5.51 -7.33
CA PHE B 50 -12.70 -4.10 -6.90
C PHE B 50 -14.19 -3.92 -6.62
N GLY B 51 -14.56 -3.72 -5.35
CA GLY B 51 -15.96 -3.64 -4.92
C GLY B 51 -16.34 -2.25 -4.43
N ILE B 52 -17.47 -1.72 -4.90
CA ILE B 52 -18.13 -0.48 -4.36
C ILE B 52 -19.39 -0.90 -3.60
N GLY B 53 -19.45 -0.63 -2.30
CA GLY B 53 -20.57 -1.00 -1.42
C GLY B 53 -20.88 -2.49 -1.45
N GLY B 54 -19.89 -3.34 -1.69
CA GLY B 54 -19.90 -4.74 -1.23
C GLY B 54 -19.86 -5.75 -2.35
N LYS B 55 -19.90 -5.27 -3.60
CA LYS B 55 -20.01 -6.11 -4.82
C LYS B 55 -19.06 -5.56 -5.89
N THR B 56 -18.49 -6.46 -6.69
CA THR B 56 -17.37 -6.16 -7.61
C THR B 56 -17.88 -5.28 -8.76
N VAL B 57 -16.98 -4.50 -9.36
CA VAL B 57 -17.26 -3.66 -10.56
C VAL B 57 -17.74 -4.58 -11.70
N ALA B 58 -17.13 -5.76 -11.87
CA ALA B 58 -17.51 -6.77 -12.90
C ALA B 58 -19.00 -7.13 -12.75
N ALA B 59 -19.51 -7.13 -11.51
CA ALA B 59 -20.93 -7.40 -11.18
C ALA B 59 -21.76 -6.16 -11.47
N ILE B 60 -21.11 -5.04 -11.76
CA ILE B 60 -21.71 -3.68 -11.92
C ILE B 60 -21.32 -3.16 -13.32
N GLU B 65 -13.23 3.11 -9.96
CA GLU B 65 -13.08 4.31 -9.09
C GLU B 65 -11.58 4.56 -8.87
N SER B 66 -11.18 5.82 -8.66
CA SER B 66 -9.77 6.28 -8.61
C SER B 66 -9.34 6.70 -7.19
N ALA B 67 -8.36 6.00 -6.61
CA ALA B 67 -7.85 6.27 -5.24
C ALA B 67 -6.38 6.70 -5.33
N ALA B 68 -6.05 7.89 -4.81
CA ALA B 68 -4.71 8.53 -4.90
C ALA B 68 -4.09 8.62 -3.52
N ASP B 69 -3.02 7.85 -3.25
CA ASP B 69 -2.29 7.93 -1.97
C ASP B 69 -1.08 8.86 -2.16
N GLY B 70 -0.99 9.95 -1.42
CA GLY B 70 0.17 10.85 -1.48
C GLY B 70 1.13 10.51 -0.35
N ALA B 71 2.43 10.35 -0.64
CA ALA B 71 3.47 10.21 0.40
C ALA B 71 4.35 11.46 0.43
N PRO B 72 4.01 12.47 1.25
CA PRO B 72 4.96 13.53 1.62
C PRO B 72 5.72 13.30 2.92
N PRO B 73 6.91 13.92 3.09
CA PRO B 73 7.46 14.23 4.41
C PRO B 73 6.68 15.42 4.97
N SER B 74 6.60 15.55 6.29
CA SER B 74 5.85 16.61 6.99
C SER B 74 6.61 17.94 6.93
N LEU B 75 6.38 18.73 5.88
CA LEU B 75 6.79 20.17 5.78
C LEU B 75 5.63 21.02 5.27
N SER B 76 4.39 20.53 5.34
CA SER B 76 3.25 21.18 4.64
C SER B 76 2.15 21.56 5.66
N ILE B 77 1.65 22.80 5.58
CA ILE B 77 0.50 23.30 6.39
C ILE B 77 -0.81 22.78 5.78
N ILE B 78 -1.95 23.08 6.42
CA ILE B 78 -3.29 22.57 6.00
C ILE B 78 -3.69 23.23 4.66
N GLN B 79 -3.45 24.53 4.49
CA GLN B 79 -3.81 25.26 3.24
C GLN B 79 -3.11 24.59 2.04
N VAL B 80 -1.84 24.24 2.17
CA VAL B 80 -1.07 23.70 1.02
C VAL B 80 -1.50 22.24 0.79
N THR B 81 -2.16 21.62 1.78
CA THR B 81 -2.78 20.28 1.63
C THR B 81 -4.12 20.41 0.89
N PHE B 82 -4.96 21.37 1.33
CA PHE B 82 -6.21 21.74 0.63
C PHE B 82 -5.91 21.89 -0.87
N ILE B 83 -4.81 22.59 -1.20
CA ILE B 83 -4.44 22.87 -2.62
C ILE B 83 -4.03 21.55 -3.28
N ALA B 84 -3.21 20.74 -2.61
CA ALA B 84 -2.74 19.43 -3.13
C ALA B 84 -3.94 18.50 -3.32
N GLY B 85 -4.73 18.26 -2.27
CA GLY B 85 -5.97 17.48 -2.38
C GLY B 85 -6.81 17.99 -3.53
N ARG B 86 -6.80 19.32 -3.74
CA ARG B 86 -7.52 20.00 -4.84
C ARG B 86 -6.82 19.70 -6.19
N THR B 87 -5.52 19.98 -6.29
CA THR B 87 -4.78 19.87 -7.58
C THR B 87 -4.75 18.39 -8.00
N GLU B 88 -4.37 17.46 -7.11
CA GLU B 88 -4.35 16.00 -7.39
C GLU B 88 -5.68 15.57 -8.00
N LEU B 89 -6.77 16.09 -7.44
CA LEU B 89 -8.15 15.64 -7.74
C LEU B 89 -8.60 16.19 -9.10
N GLN B 90 -8.35 17.48 -9.36
CA GLN B 90 -8.79 18.19 -10.60
C GLN B 90 -8.20 17.53 -11.86
N LYS B 91 -6.88 17.41 -11.92
CA LYS B 91 -6.17 17.04 -13.18
C LYS B 91 -6.43 15.58 -13.54
N GLU B 92 -6.97 14.79 -12.60
CA GLU B 92 -7.25 13.35 -12.84
C GLU B 92 -8.67 13.22 -13.37
N ARG B 93 -9.45 14.28 -13.22
CA ARG B 93 -10.80 14.42 -13.83
C ARG B 93 -10.65 14.97 -15.25
N LEU B 94 -9.51 15.58 -15.58
CA LEU B 94 -9.23 16.15 -16.93
C LEU B 94 -8.96 15.00 -17.91
N ILE B 95 -7.80 14.36 -17.80
CA ILE B 95 -7.46 13.15 -18.62
C ILE B 95 -7.75 11.91 -17.77
N ALA B 96 -7.79 10.72 -18.38
CA ALA B 96 -8.11 9.44 -17.69
C ALA B 96 -9.26 9.73 -16.74
N ALA B 97 -10.29 10.36 -17.31
CA ALA B 97 -11.37 11.10 -16.63
C ALA B 97 -12.13 10.17 -15.68
N LEU B 98 -12.86 10.79 -14.77
CA LEU B 98 -13.85 10.20 -13.83
C LEU B 98 -14.48 11.36 -13.06
N THR B 99 -15.71 11.21 -12.60
CA THR B 99 -16.44 12.26 -11.84
C THR B 99 -15.62 12.59 -10.60
N ASP B 100 -15.68 13.83 -10.10
CA ASP B 100 -14.92 14.25 -8.89
C ASP B 100 -15.34 13.40 -7.70
N ALA B 101 -16.64 13.08 -7.62
CA ALA B 101 -17.28 12.29 -6.54
C ALA B 101 -16.62 10.91 -6.43
N ALA B 102 -16.01 10.43 -7.52
CA ALA B 102 -15.48 9.05 -7.60
C ALA B 102 -13.96 9.06 -7.49
N VAL B 103 -13.33 10.19 -7.17
CA VAL B 103 -11.86 10.22 -6.92
C VAL B 103 -11.60 10.52 -5.44
N ASP B 104 -10.77 9.69 -4.82
CA ASP B 104 -10.39 9.88 -3.39
C ASP B 104 -8.88 10.09 -3.32
N THR B 105 -8.47 11.16 -2.64
CA THR B 105 -7.07 11.60 -2.51
C THR B 105 -6.70 11.53 -1.03
N VAL B 106 -5.68 10.73 -0.69
CA VAL B 106 -5.25 10.42 0.71
C VAL B 106 -3.84 11.01 0.90
N GLY B 107 -3.62 11.72 2.01
CA GLY B 107 -2.31 12.32 2.36
C GLY B 107 -1.70 11.61 3.55
N ILE B 108 -0.53 10.99 3.38
CA ILE B 108 0.16 10.26 4.51
C ILE B 108 1.47 11.00 4.80
N GLU B 109 1.53 11.76 5.89
CA GLU B 109 2.77 12.48 6.29
C GLU B 109 3.74 11.46 6.89
N ARG B 110 5.02 11.55 6.50
CA ARG B 110 6.12 10.68 7.01
C ARG B 110 7.09 11.58 7.78
N ALA B 111 7.24 11.34 9.08
CA ALA B 111 8.32 11.96 9.87
C ALA B 111 9.63 11.83 9.08
N GLU B 112 10.46 12.85 9.12
CA GLU B 112 11.83 12.84 8.51
C GLU B 112 12.68 11.73 9.16
N VAL B 113 12.43 11.35 10.42
CA VAL B 113 13.16 10.19 11.03
C VAL B 113 12.67 8.89 10.38
N ARG B 114 11.60 8.94 9.58
CA ARG B 114 11.01 7.67 9.03
C ARG B 114 11.04 7.56 7.50
N VAL B 115 11.58 8.54 6.76
CA VAL B 115 11.68 8.40 5.27
C VAL B 115 13.16 8.33 4.88
N ILE B 116 13.54 7.31 4.13
CA ILE B 116 14.96 7.12 3.77
C ILE B 116 15.16 7.37 2.26
N LEU B 117 15.89 8.43 1.90
CA LEU B 117 16.33 8.71 0.51
C LEU B 117 17.80 8.29 0.43
N LYS B 118 18.11 7.23 -0.32
CA LYS B 118 19.46 6.61 -0.31
C LYS B 118 19.62 6.03 1.10
N ASP B 119 20.84 5.95 1.63
CA ASP B 119 21.14 5.33 2.96
C ASP B 119 20.38 6.08 4.07
N ILE B 120 20.30 7.40 3.96
CA ILE B 120 19.84 8.28 5.08
C ILE B 120 18.31 8.39 5.00
N PRO C 1 8.12 -5.71 9.61
CA PRO C 1 7.29 -6.91 9.53
C PRO C 1 6.19 -6.93 8.45
N ASN C 2 5.87 -5.78 7.84
CA ASN C 2 5.13 -5.75 6.54
C ASN C 2 5.87 -4.86 5.55
N ILE C 3 6.50 -5.51 4.58
CA ILE C 3 7.50 -4.88 3.66
C ILE C 3 6.93 -5.09 2.25
N GLU C 4 6.48 -4.00 1.64
CA GLU C 4 6.08 -4.03 0.20
C GLU C 4 7.16 -3.31 -0.58
N MET C 5 7.74 -3.97 -1.54
CA MET C 5 8.70 -3.29 -2.44
C MET C 5 8.01 -3.10 -3.78
N PHE C 6 7.83 -1.86 -4.25
CA PHE C 6 7.30 -1.59 -5.63
C PHE C 6 8.50 -1.40 -6.56
N VAL C 7 8.57 -2.22 -7.61
CA VAL C 7 9.74 -2.35 -8.53
C VAL C 7 9.21 -2.47 -9.97
N VAL C 8 10.07 -2.43 -11.01
CA VAL C 8 9.60 -2.52 -12.44
C VAL C 8 9.62 -4.01 -12.85
N GLU C 9 8.99 -4.36 -13.98
CA GLU C 9 8.51 -5.73 -14.29
C GLU C 9 9.65 -6.62 -14.81
N GLY C 10 10.89 -6.14 -14.86
CA GLY C 10 12.06 -6.89 -15.38
C GLY C 10 12.44 -8.12 -14.58
N TYR C 11 12.40 -8.05 -13.25
CA TYR C 11 13.19 -8.92 -12.31
C TYR C 11 12.78 -10.39 -12.48
N SER C 12 13.78 -11.27 -12.49
CA SER C 12 13.62 -12.74 -12.66
C SER C 12 13.19 -13.36 -11.33
N ASP C 13 12.74 -14.62 -11.35
CA ASP C 13 12.34 -15.39 -10.14
C ASP C 13 13.49 -15.42 -9.11
N GLN C 14 14.73 -15.66 -9.57
CA GLN C 14 15.93 -15.74 -8.68
C GLN C 14 16.11 -14.42 -7.93
N GLN C 15 16.10 -13.31 -8.67
CA GLN C 15 16.24 -11.94 -8.13
C GLN C 15 15.14 -11.71 -7.06
N LYS C 16 13.94 -12.21 -7.31
CA LYS C 16 12.77 -12.04 -6.40
C LYS C 16 13.07 -12.80 -5.10
N GLU C 17 13.46 -14.07 -5.21
CA GLU C 17 13.64 -14.95 -4.04
C GLU C 17 14.85 -14.42 -3.25
N ALA C 18 15.87 -13.94 -3.94
CA ALA C 18 17.05 -13.32 -3.28
C ALA C 18 16.66 -11.98 -2.66
N LEU C 19 15.83 -11.17 -3.35
CA LEU C 19 15.37 -9.86 -2.81
C LEU C 19 14.60 -10.12 -1.53
N VAL C 20 13.74 -11.14 -1.54
CA VAL C 20 12.89 -11.48 -0.35
C VAL C 20 13.82 -11.87 0.83
N GLY C 21 14.74 -12.82 0.65
CA GLY C 21 15.70 -13.22 1.70
C GLY C 21 16.41 -11.99 2.24
N ALA C 22 16.89 -11.13 1.35
CA ALA C 22 17.78 -10.00 1.69
C ALA C 22 17.02 -9.01 2.57
N LEU C 23 15.81 -8.59 2.16
CA LEU C 23 14.98 -7.64 2.94
C LEU C 23 14.63 -8.25 4.31
N THR C 24 14.27 -9.54 4.34
CA THR C 24 13.97 -10.30 5.58
C THR C 24 15.21 -10.31 6.48
N GLN C 25 16.38 -10.64 5.92
CA GLN C 25 17.66 -10.70 6.68
C GLN C 25 17.97 -9.31 7.23
N ALA C 26 17.82 -8.29 6.37
CA ALA C 26 18.05 -6.87 6.71
C ALA C 26 17.17 -6.49 7.91
N THR C 27 15.90 -6.90 7.89
CA THR C 27 14.91 -6.56 8.93
C THR C 27 15.28 -7.20 10.25
N VAL C 28 15.59 -8.51 10.25
CA VAL C 28 15.84 -9.29 11.49
C VAL C 28 17.12 -8.72 12.12
N GLU C 29 18.13 -8.35 11.33
CA GLU C 29 19.40 -7.82 11.89
C GLU C 29 19.13 -6.43 12.47
N ALA C 30 18.38 -5.61 11.73
CA ALA C 30 18.25 -4.17 12.03
C ALA C 30 17.38 -3.96 13.26
N ILE C 31 16.25 -4.65 13.34
CA ILE C 31 15.20 -4.32 14.34
C ILE C 31 14.97 -5.54 15.23
N GLY C 32 15.77 -6.59 15.05
CA GLY C 32 15.83 -7.76 15.94
C GLY C 32 14.49 -8.44 16.04
N ALA C 33 13.69 -8.38 14.96
CA ALA C 33 12.35 -8.98 14.83
C ALA C 33 12.47 -10.47 14.57
N PRO C 34 11.47 -11.29 14.96
CA PRO C 34 11.45 -12.71 14.61
C PRO C 34 11.34 -12.90 13.10
N ILE C 35 12.12 -13.81 12.53
CA ILE C 35 12.11 -14.07 11.06
C ILE C 35 10.68 -14.50 10.71
N ASP C 36 10.08 -15.31 11.58
CA ASP C 36 8.67 -15.78 11.45
C ASP C 36 7.73 -14.58 11.33
N SER C 37 8.06 -13.44 11.95
CA SER C 37 7.23 -12.20 11.98
C SER C 37 7.37 -11.40 10.67
N VAL C 38 8.29 -11.75 9.76
CA VAL C 38 8.65 -10.86 8.62
C VAL C 38 7.92 -11.36 7.36
N ARG C 39 6.97 -10.56 6.89
CA ARG C 39 6.27 -10.81 5.62
C ARG C 39 6.74 -9.74 4.63
N VAL C 40 7.19 -10.16 3.45
CA VAL C 40 7.78 -9.26 2.43
C VAL C 40 7.00 -9.50 1.16
N TRP C 41 6.42 -8.47 0.53
CA TRP C 41 5.86 -8.71 -0.85
C TRP C 41 6.41 -7.70 -1.84
N LEU C 42 6.70 -8.21 -3.04
CA LEU C 42 7.19 -7.40 -4.16
C LEU C 42 5.99 -6.97 -5.04
N THR C 43 5.91 -5.71 -5.46
CA THR C 43 4.83 -5.26 -6.40
C THR C 43 5.43 -4.87 -7.76
N GLU C 44 5.30 -5.72 -8.76
CA GLU C 44 5.74 -5.52 -10.17
C GLU C 44 4.83 -4.50 -10.88
N VAL C 45 5.37 -3.30 -11.17
CA VAL C 45 4.64 -2.19 -11.85
C VAL C 45 5.07 -2.18 -13.30
N PRO C 46 4.16 -2.27 -14.28
CA PRO C 46 4.56 -2.10 -15.68
C PRO C 46 5.20 -0.71 -15.91
N ALA C 47 6.17 -0.65 -16.83
CA ALA C 47 6.94 0.57 -17.15
C ALA C 47 5.96 1.68 -17.57
N THR C 48 4.91 1.30 -18.27
CA THR C 48 3.84 2.22 -18.76
C THR C 48 3.05 2.80 -17.61
N GLN C 49 3.23 2.27 -16.38
CA GLN C 49 2.43 2.70 -15.21
C GLN C 49 3.33 3.22 -14.08
N PHE C 50 4.62 3.43 -14.35
CA PHE C 50 5.56 3.99 -13.36
C PHE C 50 6.14 5.28 -13.93
N GLY C 51 5.87 6.41 -13.29
CA GLY C 51 6.42 7.71 -13.69
C GLY C 51 7.58 8.16 -12.83
N ILE C 52 8.65 8.66 -13.46
CA ILE C 52 9.71 9.48 -12.79
C ILE C 52 9.57 10.93 -13.28
N GLY C 53 9.25 11.87 -12.37
CA GLY C 53 9.21 13.31 -12.69
C GLY C 53 8.45 13.61 -13.99
N GLY C 54 7.33 12.94 -14.21
CA GLY C 54 6.29 13.41 -15.14
C GLY C 54 6.13 12.49 -16.32
N LYS C 55 7.11 11.65 -16.60
CA LYS C 55 7.05 10.78 -17.80
C LYS C 55 7.25 9.32 -17.37
N THR C 56 6.63 8.39 -18.09
CA THR C 56 6.67 6.92 -17.80
C THR C 56 8.05 6.35 -18.16
N VAL C 57 8.43 5.29 -17.45
CA VAL C 57 9.70 4.53 -17.63
C VAL C 57 9.78 4.02 -19.08
N ALA C 58 8.70 3.53 -19.66
CA ALA C 58 8.67 2.99 -21.04
C ALA C 58 8.95 4.13 -22.02
N ALA C 59 8.44 5.33 -21.73
CA ALA C 59 8.68 6.57 -22.52
C ALA C 59 10.16 6.95 -22.42
N ILE C 60 10.82 6.53 -21.35
CA ILE C 60 12.26 6.76 -21.04
C ILE C 60 13.03 5.45 -21.28
N GLU C 65 12.17 2.53 -10.54
CA GLU C 65 12.64 2.97 -9.20
C GLU C 65 12.25 1.89 -8.17
N SER C 66 12.94 1.82 -7.03
CA SER C 66 12.57 0.89 -5.92
C SER C 66 11.95 1.70 -4.80
N ALA C 67 10.69 1.40 -4.43
CA ALA C 67 9.98 2.05 -3.30
C ALA C 67 9.61 0.96 -2.30
N ALA C 68 10.01 1.10 -1.04
CA ALA C 68 9.81 0.07 0.00
C ALA C 68 8.96 0.71 1.09
N ASP C 69 7.72 0.27 1.25
CA ASP C 69 6.92 0.70 2.43
C ASP C 69 7.05 -0.38 3.52
N GLY C 70 7.36 0.03 4.73
CA GLY C 70 7.32 -0.91 5.85
C GLY C 70 6.21 -0.52 6.78
N ALA C 71 5.27 -1.41 7.04
CA ALA C 71 4.28 -1.25 8.13
C ALA C 71 4.72 -2.05 9.35
N PRO C 72 5.45 -1.44 10.32
CA PRO C 72 5.70 -2.09 11.60
C PRO C 72 4.73 -1.73 12.72
N PRO C 73 4.75 -2.48 13.85
CA PRO C 73 4.17 -2.01 15.10
C PRO C 73 5.08 -0.95 15.73
N SER C 74 4.52 0.01 16.47
CA SER C 74 5.30 1.15 17.02
C SER C 74 5.99 0.73 18.32
N LEU C 75 7.29 0.45 18.27
CA LEU C 75 8.16 0.40 19.47
C LEU C 75 9.50 1.04 19.13
N SER C 76 9.87 0.95 17.85
CA SER C 76 11.22 1.28 17.31
C SER C 76 11.56 2.75 17.55
N ILE C 77 12.75 2.98 18.14
CA ILE C 77 13.39 4.31 18.36
C ILE C 77 14.00 4.80 17.03
N ILE C 78 14.57 6.00 17.04
CA ILE C 78 15.09 6.73 15.85
C ILE C 78 16.18 5.87 15.22
N GLN C 79 17.11 5.37 16.04
CA GLN C 79 18.33 4.71 15.55
C GLN C 79 17.97 3.40 14.88
N VAL C 80 17.10 2.60 15.49
CA VAL C 80 16.64 1.31 14.87
C VAL C 80 15.79 1.58 13.61
N THR C 81 15.23 2.79 13.42
CA THR C 81 14.54 3.18 12.14
C THR C 81 15.60 3.48 11.08
N PHE C 82 16.60 4.30 11.40
CA PHE C 82 17.70 4.70 10.46
C PHE C 82 18.44 3.44 10.00
N ILE C 83 18.69 2.49 10.91
CA ILE C 83 19.36 1.20 10.57
C ILE C 83 18.42 0.40 9.67
N ALA C 84 17.13 0.31 10.01
CA ALA C 84 16.12 -0.30 9.11
C ALA C 84 16.16 0.43 7.76
N GLY C 85 16.32 1.76 7.78
CA GLY C 85 16.50 2.57 6.56
C GLY C 85 17.64 2.03 5.71
N ARG C 86 18.85 1.98 6.29
CA ARG C 86 20.10 1.65 5.56
C ARG C 86 20.10 0.16 5.22
N THR C 87 19.68 -0.71 6.14
CA THR C 87 19.86 -2.17 5.97
C THR C 87 18.95 -2.62 4.83
N GLU C 88 17.74 -2.10 4.75
CA GLU C 88 16.81 -2.48 3.64
C GLU C 88 17.39 -1.89 2.35
N LEU C 89 17.98 -0.70 2.44
CA LEU C 89 18.52 -0.01 1.26
C LEU C 89 19.73 -0.78 0.74
N GLN C 90 20.65 -1.13 1.63
CA GLN C 90 21.93 -1.76 1.18
C GLN C 90 21.60 -3.11 0.55
N LYS C 91 20.81 -3.95 1.20
CA LYS C 91 20.62 -5.37 0.80
C LYS C 91 19.97 -5.42 -0.58
N GLU C 92 19.29 -4.35 -0.97
CA GLU C 92 18.49 -4.30 -2.21
C GLU C 92 19.32 -3.65 -3.33
N ARG C 93 20.27 -2.79 -2.97
CA ARG C 93 21.31 -2.28 -3.89
C ARG C 93 22.39 -3.36 -4.09
N LEU C 94 22.32 -4.48 -3.34
CA LEU C 94 23.25 -5.65 -3.43
C LEU C 94 22.68 -6.62 -4.48
N ILE C 95 21.65 -7.38 -4.10
CA ILE C 95 20.98 -8.33 -5.03
C ILE C 95 19.99 -7.54 -5.86
N ALA C 96 19.75 -7.99 -7.11
CA ALA C 96 18.74 -7.41 -8.02
C ALA C 96 18.92 -5.90 -7.95
N ALA C 97 20.17 -5.46 -8.00
CA ALA C 97 20.64 -4.13 -7.56
C ALA C 97 19.96 -3.04 -8.38
N LEU C 98 19.94 -1.85 -7.79
CA LEU C 98 19.73 -0.55 -8.46
C LEU C 98 20.56 0.48 -7.68
N THR C 99 20.82 1.64 -8.25
CA THR C 99 21.64 2.70 -7.60
C THR C 99 21.06 3.03 -6.22
N ASP C 100 21.93 3.21 -5.24
CA ASP C 100 21.60 3.67 -3.86
C ASP C 100 20.56 4.79 -3.92
N ALA C 101 20.83 5.85 -4.69
CA ALA C 101 20.04 7.11 -4.70
C ALA C 101 18.68 6.89 -5.37
N ALA C 102 18.47 5.75 -6.02
CA ALA C 102 17.19 5.42 -6.68
C ALA C 102 16.36 4.44 -5.83
N VAL C 103 16.73 4.18 -4.57
CA VAL C 103 15.83 3.36 -3.70
C VAL C 103 15.31 4.26 -2.58
N ASP C 104 13.99 4.26 -2.40
CA ASP C 104 13.28 5.08 -1.36
C ASP C 104 12.52 4.15 -0.41
N THR C 105 12.51 4.51 0.87
CA THR C 105 12.10 3.60 1.95
C THR C 105 11.14 4.37 2.86
N VAL C 106 9.96 3.81 3.06
CA VAL C 106 8.92 4.52 3.86
C VAL C 106 8.64 3.71 5.13
N GLY C 107 8.75 4.34 6.27
CA GLY C 107 8.52 3.66 7.55
C GLY C 107 7.21 4.10 8.14
N ILE C 108 6.18 3.24 8.20
CA ILE C 108 4.86 3.61 8.78
C ILE C 108 4.60 2.92 10.14
N GLU C 109 4.64 3.68 11.23
CA GLU C 109 4.31 3.15 12.57
C GLU C 109 2.79 3.14 12.73
N ARG C 110 2.24 1.94 12.89
CA ARG C 110 0.82 1.68 13.23
C ARG C 110 0.75 1.47 14.76
N ALA C 111 -0.14 2.18 15.47
CA ALA C 111 -0.26 2.08 16.95
C ALA C 111 -0.74 0.68 17.33
N GLU C 112 -0.29 0.15 18.47
CA GLU C 112 -0.76 -1.13 19.08
C GLU C 112 -2.30 -1.22 19.11
N VAL C 113 -3.00 -0.11 19.34
CA VAL C 113 -4.50 -0.05 19.25
C VAL C 113 -4.97 -0.26 17.80
N ARG C 114 -4.07 -0.23 16.81
CA ARG C 114 -4.50 -0.22 15.38
C ARG C 114 -3.94 -1.43 14.62
N VAL C 115 -3.06 -2.23 15.24
CA VAL C 115 -2.49 -3.43 14.58
C VAL C 115 -3.23 -4.65 15.13
N ILE C 116 -3.86 -5.44 14.26
CA ILE C 116 -4.53 -6.70 14.72
C ILE C 116 -3.77 -7.91 14.14
N LEU C 117 -3.09 -8.66 15.02
CA LEU C 117 -2.38 -9.93 14.70
C LEU C 117 -3.15 -11.09 15.35
N LYS C 118 -3.65 -12.03 14.54
CA LYS C 118 -4.70 -12.98 14.97
C LYS C 118 -5.89 -12.10 15.36
N ASP C 119 -6.84 -12.55 16.17
CA ASP C 119 -8.08 -11.76 16.46
C ASP C 119 -7.70 -10.50 17.24
N ILE C 120 -6.60 -10.55 17.98
CA ILE C 120 -6.29 -9.63 19.12
C ILE C 120 -5.40 -8.50 18.61
N PRO C 121 -5.46 -7.29 19.21
CA PRO C 121 -4.50 -6.24 18.92
C PRO C 121 -3.21 -6.54 19.68
N ASN C 122 -2.14 -5.79 19.46
CA ASN C 122 -0.91 -5.91 20.28
C ASN C 122 -1.15 -5.30 21.66
N THR C 123 -2.10 -4.37 21.80
CA THR C 123 -2.36 -3.66 23.09
C THR C 123 -2.85 -4.69 24.11
N ASP C 124 -3.97 -5.35 23.81
CA ASP C 124 -4.55 -6.50 24.56
C ASP C 124 -3.81 -7.77 24.15
N TYR C 125 -2.68 -7.64 23.46
CA TYR C 125 -1.71 -8.74 23.16
C TYR C 125 -2.43 -9.89 22.44
#